data_7VJQ
#
_entry.id   7VJQ
#
_cell.length_a   129.310
_cell.length_b   168.473
_cell.length_c   41.492
_cell.angle_alpha   90.000
_cell.angle_beta   90.060
_cell.angle_gamma   90.000
#
_symmetry.space_group_name_H-M   'C 1 2 1'
#
loop_
_entity.id
_entity.type
_entity.pdbx_description
1 polymer 'anti-CRISPR-associated protein Aca2'
2 polymer 'DNA (27-MER)'
3 polymer 'DNA (27-MER)'
4 non-polymer 'SULFATE ION'
5 non-polymer GLYCEROL
6 non-polymer 'CHLORIDE ION'
7 water water
#
loop_
_entity_poly.entity_id
_entity_poly.type
_entity_poly.pdbx_seq_one_letter_code
_entity_poly.pdbx_strand_id
1 'polypeptide(L)'
;GPLGSMTNKELQAIRKLLMLDVSEAAEHIGRVSARSWQYWESGRSAVPDDVEQEMLDLASVRIEMMSAIDKRLADGERPK
LRFYNKLDEYLADNPDHNVIGWRLSQSVAALYYTEGHADLI
;
A,B
2 'polydeoxyribonucleotide'
;(DT)(DT)(DG)(DC)(DT)(DT)(DG)(DT)(DT)(DC)(DG)(DC)(DG)(DA)(DT)(DT)(DG)(DC)(DG)(DA)
(DA)(DC)(DA)(DT)(DA)(DT)(DA)
;
C
3 'polydeoxyribonucleotide'
;(DA)(DT)(DA)(DT)(DA)(DT)(DG)(DT)(DT)(DC)(DG)(DC)(DA)(DA)(DT)(DC)(DG)(DC)(DG)(DA)
(DA)(DC)(DA)(DA)(DG)(DC)(DA)
;
D
#
# COMPACT_ATOMS: atom_id res chain seq x y z
N PRO A 2 -21.03 -14.09 -5.76
CA PRO A 2 -19.94 -13.54 -4.95
C PRO A 2 -18.58 -13.75 -5.61
N LEU A 3 -18.12 -14.99 -5.64
CA LEU A 3 -16.84 -15.31 -6.26
C LEU A 3 -16.97 -15.21 -7.78
N GLY A 4 -15.95 -14.62 -8.41
CA GLY A 4 -15.95 -14.41 -9.84
C GLY A 4 -16.25 -13.00 -10.28
N SER A 5 -16.58 -12.11 -9.33
CA SER A 5 -16.86 -10.72 -9.64
C SER A 5 -15.64 -9.82 -9.55
N MET A 6 -14.49 -10.37 -9.13
CA MET A 6 -13.27 -9.57 -9.06
C MET A 6 -12.80 -9.18 -10.45
N THR A 7 -12.68 -7.87 -10.69
CA THR A 7 -12.14 -7.36 -11.93
C THR A 7 -10.63 -7.39 -11.91
N ASN A 8 -10.02 -7.06 -13.06
CA ASN A 8 -8.57 -7.00 -13.12
C ASN A 8 -8.02 -5.88 -12.26
N LYS A 9 -8.65 -4.70 -12.31
CA LYS A 9 -8.21 -3.58 -11.51
C LYS A 9 -8.39 -3.84 -10.02
N GLU A 10 -9.43 -4.58 -9.64
CA GLU A 10 -9.60 -4.94 -8.24
C GLU A 10 -8.49 -5.86 -7.76
N LEU A 11 -8.10 -6.83 -8.62
CA LEU A 11 -6.98 -7.70 -8.28
C LEU A 11 -5.69 -6.91 -8.13
N GLN A 12 -5.42 -6.01 -9.08
CA GLN A 12 -4.22 -5.17 -8.98
C GLN A 12 -4.25 -4.33 -7.71
N ALA A 13 -5.41 -3.79 -7.35
CA ALA A 13 -5.52 -2.93 -6.19
C ALA A 13 -5.28 -3.70 -4.90
N ILE A 14 -5.89 -4.88 -4.76
CA ILE A 14 -5.68 -5.66 -3.54
C ILE A 14 -4.25 -6.16 -3.47
N ARG A 15 -3.66 -6.50 -4.62
CA ARG A 15 -2.26 -6.92 -4.64
C ARG A 15 -1.34 -5.79 -4.16
N LYS A 16 -1.55 -4.58 -4.68
CA LYS A 16 -0.73 -3.45 -4.28
C LYS A 16 -0.98 -3.06 -2.83
N LEU A 17 -2.22 -3.20 -2.36
CA LEU A 17 -2.52 -2.91 -0.96
C LEU A 17 -1.78 -3.86 -0.04
N LEU A 18 -1.81 -5.17 -0.35
CA LEU A 18 -1.03 -6.12 0.42
C LEU A 18 0.46 -5.99 0.17
N MET A 19 0.89 -5.05 -0.68
CA MET A 19 2.31 -4.77 -0.93
C MET A 19 3.02 -5.99 -1.48
N LEU A 20 2.35 -6.73 -2.35
CA LEU A 20 2.92 -7.90 -3.00
C LEU A 20 3.46 -7.51 -4.37
N ASP A 21 4.59 -8.11 -4.75
CA ASP A 21 5.07 -8.00 -6.12
C ASP A 21 4.32 -8.99 -7.01
N VAL A 22 4.33 -8.72 -8.31
CA VAL A 22 3.63 -9.60 -9.25
C VAL A 22 4.24 -10.99 -9.25
N SER A 23 5.59 -11.07 -9.25
CA SER A 23 6.24 -12.36 -9.27
C SER A 23 5.94 -13.17 -8.02
N GLU A 24 5.94 -12.51 -6.85
CA GLU A 24 5.68 -13.22 -5.60
C GLU A 24 4.26 -13.79 -5.58
N ALA A 25 3.27 -12.97 -5.95
CA ALA A 25 1.89 -13.43 -5.95
C ALA A 25 1.68 -14.54 -6.99
N ALA A 26 2.31 -14.41 -8.16
CA ALA A 26 2.16 -15.43 -9.18
C ALA A 26 2.79 -16.75 -8.74
N GLU A 27 3.94 -16.69 -8.05
CA GLU A 27 4.62 -17.90 -7.66
C GLU A 27 3.92 -18.60 -6.51
N HIS A 28 3.49 -17.84 -5.50
CA HIS A 28 3.02 -18.44 -4.25
C HIS A 28 1.50 -18.51 -4.14
N ILE A 29 0.76 -17.62 -4.78
CA ILE A 29 -0.69 -17.57 -4.67
C ILE A 29 -1.36 -18.19 -5.88
N GLY A 30 -1.10 -17.64 -7.07
CA GLY A 30 -1.66 -18.22 -8.28
C GLY A 30 -1.01 -19.54 -8.66
N ARG A 31 0.24 -19.75 -8.24
CA ARG A 31 1.03 -20.92 -8.64
C ARG A 31 1.13 -21.01 -10.16
N VAL A 32 1.21 -19.84 -10.80
CA VAL A 32 1.32 -19.71 -12.25
C VAL A 32 2.52 -18.82 -12.57
N SER A 33 2.81 -18.71 -13.86
CA SER A 33 3.88 -17.83 -14.31
C SER A 33 3.49 -16.37 -14.08
N ALA A 34 4.52 -15.52 -14.00
CA ALA A 34 4.27 -14.09 -13.85
C ALA A 34 3.47 -13.54 -15.03
N ARG A 35 3.66 -14.11 -16.22
CA ARG A 35 2.91 -13.67 -17.39
C ARG A 35 1.41 -13.89 -17.20
N SER A 36 1.03 -15.00 -16.58
CA SER A 36 -0.39 -15.27 -16.37
C SER A 36 -0.99 -14.29 -15.36
N TRP A 37 -0.22 -13.93 -14.34
CA TRP A 37 -0.71 -12.93 -13.38
C TRP A 37 -0.87 -11.57 -14.03
N GLN A 38 0.09 -11.19 -14.88
CA GLN A 38 -0.02 -9.94 -15.61
C GLN A 38 -1.22 -9.97 -16.55
N TYR A 39 -1.49 -11.12 -17.16
CA TYR A 39 -2.68 -11.26 -17.99
C TYR A 39 -3.96 -11.08 -17.16
N TRP A 40 -3.99 -11.69 -15.97
CA TRP A 40 -5.14 -11.52 -15.08
C TRP A 40 -5.36 -10.07 -14.74
N GLU A 41 -4.28 -9.37 -14.35
CA GLU A 41 -4.39 -7.98 -13.93
C GLU A 41 -4.60 -7.02 -15.10
N SER A 42 -4.38 -7.46 -16.33
CA SER A 42 -4.59 -6.63 -17.51
C SER A 42 -5.90 -6.92 -18.21
N GLY A 43 -6.65 -7.92 -17.76
CA GLY A 43 -7.96 -8.21 -18.32
C GLY A 43 -7.97 -9.18 -19.48
N ARG A 44 -6.87 -9.87 -19.77
CA ARG A 44 -6.86 -10.83 -20.86
C ARG A 44 -7.69 -12.06 -20.51
N SER A 45 -7.53 -12.58 -19.30
CA SER A 45 -8.33 -13.69 -18.81
C SER A 45 -8.91 -13.33 -17.45
N ALA A 46 -10.02 -13.98 -17.11
CA ALA A 46 -10.70 -13.70 -15.85
C ALA A 46 -9.85 -14.17 -14.67
N VAL A 47 -10.04 -13.50 -13.53
CA VAL A 47 -9.36 -13.88 -12.29
C VAL A 47 -10.00 -15.17 -11.77
N PRO A 48 -9.21 -16.22 -11.55
CA PRO A 48 -9.79 -17.47 -11.03
C PRO A 48 -10.43 -17.27 -9.67
N ASP A 49 -11.44 -18.10 -9.39
CA ASP A 49 -12.20 -17.96 -8.15
C ASP A 49 -11.33 -18.23 -6.93
N ASP A 50 -10.46 -19.24 -7.02
CA ASP A 50 -9.61 -19.59 -5.88
C ASP A 50 -8.62 -18.48 -5.57
N VAL A 51 -8.06 -17.84 -6.61
CA VAL A 51 -7.16 -16.70 -6.40
C VAL A 51 -7.90 -15.57 -5.69
N GLU A 52 -9.15 -15.31 -6.12
CA GLU A 52 -9.98 -14.31 -5.45
C GLU A 52 -10.15 -14.64 -3.97
N GLN A 53 -10.60 -15.86 -3.67
CA GLN A 53 -10.83 -16.24 -2.28
C GLN A 53 -9.56 -16.15 -1.46
N GLU A 54 -8.41 -16.48 -2.06
CA GLU A 54 -7.15 -16.38 -1.34
C GLU A 54 -6.79 -14.92 -1.05
N MET A 55 -7.10 -14.02 -2.00
CA MET A 55 -6.98 -12.59 -1.73
C MET A 55 -7.79 -12.18 -0.51
N LEU A 56 -9.07 -12.60 -0.47
CA LEU A 56 -9.90 -12.23 0.68
C LEU A 56 -9.38 -12.83 1.97
N ASP A 57 -8.84 -14.05 1.92
CA ASP A 57 -8.29 -14.67 3.12
C ASP A 57 -7.07 -13.90 3.62
N LEU A 58 -6.22 -13.46 2.70
CA LEU A 58 -5.06 -12.65 3.10
C LEU A 58 -5.51 -11.32 3.70
N ALA A 59 -6.57 -10.74 3.14
CA ALA A 59 -7.15 -9.55 3.74
C ALA A 59 -7.57 -9.83 5.18
N SER A 60 -8.18 -10.98 5.43
CA SER A 60 -8.58 -11.33 6.79
C SER A 60 -7.39 -11.49 7.72
N VAL A 61 -6.29 -12.07 7.22
CA VAL A 61 -5.07 -12.17 8.03
C VAL A 61 -4.56 -10.78 8.37
N ARG A 62 -4.60 -9.86 7.40
CA ARG A 62 -4.23 -8.47 7.67
C ARG A 62 -5.11 -7.86 8.75
N ILE A 63 -6.41 -8.15 8.72
CA ILE A 63 -7.31 -7.66 9.76
C ILE A 63 -6.90 -8.21 11.12
N GLU A 64 -6.48 -9.48 11.17
CA GLU A 64 -6.02 -10.06 12.43
C GLU A 64 -4.83 -9.27 12.98
N MET A 65 -3.81 -9.04 12.15
CA MET A 65 -2.64 -8.30 12.60
C MET A 65 -3.02 -6.89 13.07
N MET A 66 -3.86 -6.22 12.28
CA MET A 66 -4.28 -4.86 12.64
C MET A 66 -5.04 -4.84 13.95
N SER A 67 -5.84 -5.87 14.22
CA SER A 67 -6.58 -5.93 15.48
C SER A 67 -5.64 -6.13 16.66
N ALA A 68 -4.62 -6.97 16.49
CA ALA A 68 -3.62 -7.11 17.55
C ALA A 68 -2.96 -5.78 17.87
N ILE A 69 -2.55 -5.05 16.83
CA ILE A 69 -1.90 -3.76 17.09
C ILE A 69 -2.89 -2.75 17.66
N ASP A 70 -4.17 -2.83 17.29
CA ASP A 70 -5.18 -1.96 17.90
C ASP A 70 -5.32 -2.25 19.38
N LYS A 71 -5.32 -3.52 19.77
CA LYS A 71 -5.32 -3.88 21.17
C LYS A 71 -4.12 -3.28 21.89
N ARG A 72 -2.93 -3.38 21.28
CA ARG A 72 -1.76 -2.78 21.90
C ARG A 72 -1.90 -1.27 22.03
N LEU A 73 -2.54 -0.63 21.05
CA LEU A 73 -2.69 0.82 21.08
C LEU A 73 -3.66 1.27 22.16
N ALA A 74 -4.77 0.55 22.33
CA ALA A 74 -5.76 0.94 23.32
C ALA A 74 -5.26 0.79 24.74
N ASP A 75 -4.18 0.03 24.95
CA ASP A 75 -3.62 -0.17 26.27
C ASP A 75 -2.67 0.96 26.69
N GLY A 76 -2.52 1.99 25.86
CA GLY A 76 -1.62 3.08 26.16
C GLY A 76 -0.22 2.93 25.58
N GLU A 77 0.08 1.81 24.94
CA GLU A 77 1.39 1.57 24.38
C GLU A 77 1.57 2.33 23.06
N ARG A 78 2.77 2.89 22.87
CA ARG A 78 3.17 3.39 21.57
C ARG A 78 3.97 2.29 20.88
N PRO A 79 3.39 1.56 19.93
CA PRO A 79 4.05 0.37 19.41
C PRO A 79 5.30 0.71 18.61
N LYS A 80 6.35 -0.07 18.85
CA LYS A 80 7.58 0.00 18.04
C LYS A 80 7.53 -1.19 17.08
N LEU A 81 6.85 -0.98 15.95
CA LEU A 81 6.59 -2.06 15.01
C LEU A 81 7.84 -2.39 14.19
N ARG A 82 8.03 -3.68 13.92
CA ARG A 82 9.19 -4.14 13.18
C ARG A 82 8.89 -4.11 11.69
N PHE A 83 9.68 -3.34 10.94
CA PHE A 83 9.56 -3.24 9.49
C PHE A 83 10.78 -3.91 8.88
N TYR A 84 10.59 -5.11 8.34
CA TYR A 84 11.69 -5.89 7.80
C TYR A 84 12.00 -5.45 6.38
N ASN A 85 13.20 -4.91 6.16
CA ASN A 85 13.59 -4.48 4.82
C ASN A 85 13.92 -5.68 3.93
N LYS A 86 14.56 -6.71 4.49
CA LYS A 86 14.91 -7.91 3.76
C LYS A 86 14.01 -9.06 4.19
N LEU A 87 13.63 -9.90 3.23
CA LEU A 87 12.77 -11.04 3.54
C LEU A 87 13.48 -12.05 4.45
N ASP A 88 14.81 -12.17 4.31
CA ASP A 88 15.53 -13.16 5.10
C ASP A 88 15.50 -12.83 6.59
N GLU A 89 15.54 -11.54 6.94
CA GLU A 89 15.39 -11.16 8.34
C GLU A 89 14.04 -11.58 8.89
N TYR A 90 12.97 -11.29 8.13
CA TYR A 90 11.63 -11.68 8.54
C TYR A 90 11.51 -13.19 8.72
N LEU A 91 12.08 -13.96 7.78
CA LEU A 91 11.99 -15.41 7.87
C LEU A 91 12.87 -15.95 9.01
N ALA A 92 13.94 -15.25 9.35
CA ALA A 92 14.74 -15.63 10.51
C ALA A 92 13.98 -15.37 11.80
N ASP A 93 13.13 -14.35 11.81
CA ASP A 93 12.25 -14.12 12.95
C ASP A 93 10.93 -14.86 12.85
N ASN A 94 10.59 -15.39 11.67
CA ASN A 94 9.34 -16.13 11.46
C ASN A 94 9.64 -17.34 10.58
N PRO A 95 9.95 -18.49 11.18
CA PRO A 95 10.34 -19.65 10.37
C PRO A 95 9.19 -20.25 9.58
N ASP A 96 7.95 -20.21 10.10
CA ASP A 96 6.82 -20.85 9.46
C ASP A 96 6.09 -19.93 8.49
N HIS A 97 6.68 -18.80 8.12
CA HIS A 97 6.07 -17.84 7.22
C HIS A 97 6.79 -17.85 5.87
N ASN A 98 6.33 -17.00 4.96
CA ASN A 98 6.96 -16.85 3.66
C ASN A 98 6.88 -15.38 3.26
N VAL A 99 7.04 -15.09 1.97
CA VAL A 99 7.07 -13.71 1.50
C VAL A 99 5.70 -13.06 1.66
N ILE A 100 4.63 -13.85 1.66
CA ILE A 100 3.28 -13.29 1.79
C ILE A 100 3.12 -12.62 3.14
N GLY A 101 3.48 -13.32 4.22
CA GLY A 101 3.42 -12.73 5.54
C GLY A 101 4.37 -11.55 5.70
N TRP A 102 5.52 -11.61 5.03
CA TRP A 102 6.46 -10.50 5.07
C TRP A 102 5.83 -9.23 4.49
N ARG A 103 5.23 -9.35 3.31
CA ARG A 103 4.60 -8.19 2.68
C ARG A 103 3.39 -7.72 3.48
N LEU A 104 2.64 -8.66 4.07
CA LEU A 104 1.51 -8.28 4.92
C LEU A 104 1.98 -7.45 6.12
N SER A 105 3.03 -7.92 6.80
CA SER A 105 3.56 -7.18 7.94
C SER A 105 4.11 -5.83 7.51
N GLN A 106 4.76 -5.77 6.34
CA GLN A 106 5.24 -4.49 5.83
C GLN A 106 4.09 -3.52 5.63
N SER A 107 3.00 -3.98 5.00
CA SER A 107 1.85 -3.12 4.76
C SER A 107 1.24 -2.64 6.08
N VAL A 108 1.11 -3.54 7.05
CA VAL A 108 0.48 -3.16 8.32
C VAL A 108 1.34 -2.15 9.08
N ALA A 109 2.65 -2.39 9.12
CA ALA A 109 3.54 -1.46 9.80
C ALA A 109 3.55 -0.10 9.11
N ALA A 110 3.55 -0.09 7.78
CA ALA A 110 3.50 1.17 7.05
C ALA A 110 2.20 1.91 7.34
N LEU A 111 1.08 1.19 7.41
CA LEU A 111 -0.20 1.82 7.71
C LEU A 111 -0.18 2.46 9.09
N TYR A 112 0.30 1.71 10.09
CA TYR A 112 0.27 2.26 11.45
C TYR A 112 1.32 3.33 11.66
N TYR A 113 2.37 3.39 10.85
CA TYR A 113 3.29 4.51 10.93
C TYR A 113 2.72 5.75 10.25
N THR A 114 2.11 5.59 9.08
CA THR A 114 1.55 6.74 8.38
C THR A 114 0.37 7.33 9.13
N GLU A 115 -0.42 6.49 9.79
CA GLU A 115 -1.49 7.02 10.65
C GLU A 115 -0.93 7.84 11.80
N GLY A 116 0.33 7.64 12.17
CA GLY A 116 0.96 8.40 13.23
C GLY A 116 0.87 7.78 14.60
N HIS A 117 0.70 6.45 14.68
CA HIS A 117 0.52 5.79 15.96
C HIS A 117 1.67 4.87 16.34
N ALA A 118 2.62 4.61 15.45
CA ALA A 118 3.69 3.67 15.72
C ALA A 118 5.00 4.16 15.11
N ASP A 119 6.10 3.76 15.75
CA ASP A 119 7.44 3.97 15.22
C ASP A 119 7.99 2.65 14.71
N LEU A 120 8.80 2.72 13.66
CA LEU A 120 9.29 1.53 12.97
C LEU A 120 10.76 1.30 13.30
N ILE A 121 11.08 0.04 13.59
CA ILE A 121 12.45 -0.35 13.89
C ILE A 121 12.90 -1.47 12.97
N PRO B 2 10.17 17.06 16.98
CA PRO B 2 9.36 16.11 16.22
C PRO B 2 9.92 15.85 14.81
N LEU B 3 10.11 16.91 14.04
CA LEU B 3 10.62 16.78 12.68
C LEU B 3 12.10 16.44 12.70
N GLY B 4 12.52 15.60 11.77
CA GLY B 4 13.91 15.19 11.66
C GLY B 4 14.24 13.83 12.23
N SER B 5 13.26 13.12 12.79
CA SER B 5 13.47 11.81 13.37
C SER B 5 12.98 10.68 12.47
N MET B 6 12.78 10.96 11.17
CA MET B 6 12.33 9.93 10.25
C MET B 6 13.47 8.99 9.92
N THR B 7 13.31 7.71 10.25
CA THR B 7 14.29 6.71 9.88
C THR B 7 14.15 6.36 8.39
N ASN B 8 15.14 5.65 7.87
CA ASN B 8 15.11 5.24 6.46
C ASN B 8 13.95 4.30 6.19
N LYS B 9 13.74 3.32 7.07
CA LYS B 9 12.67 2.36 6.87
C LYS B 9 11.29 3.01 7.06
N GLU B 10 11.20 4.04 7.90
CA GLU B 10 9.96 4.80 7.99
C GLU B 10 9.64 5.50 6.69
N LEU B 11 10.65 6.11 6.06
CA LEU B 11 10.45 6.74 4.76
C LEU B 11 10.03 5.73 3.71
N GLN B 12 10.71 4.58 3.68
CA GLN B 12 10.31 3.53 2.73
C GLN B 12 8.88 3.08 2.98
N ALA B 13 8.48 2.97 4.24
CA ALA B 13 7.14 2.51 4.56
C ALA B 13 6.08 3.50 4.12
N ILE B 14 6.28 4.79 4.42
CA ILE B 14 5.29 5.78 4.02
C ILE B 14 5.25 5.89 2.49
N ARG B 15 6.40 5.77 1.84
CA ARG B 15 6.44 5.78 0.37
C ARG B 15 5.66 4.61 -0.20
N LYS B 16 5.86 3.41 0.35
CA LYS B 16 5.15 2.24 -0.14
C LYS B 16 3.65 2.34 0.12
N LEU B 17 3.27 2.90 1.27
CA LEU B 17 1.83 3.02 1.57
C LEU B 17 1.17 4.02 0.64
N LEU B 18 1.82 5.16 0.38
CA LEU B 18 1.28 6.06 -0.63
C LEU B 18 1.40 5.50 -2.04
N MET B 19 1.95 4.29 -2.18
CA MET B 19 2.00 3.57 -3.47
C MET B 19 2.81 4.36 -4.50
N LEU B 20 3.88 5.01 -4.06
CA LEU B 20 4.77 5.74 -4.94
C LEU B 20 5.94 4.87 -5.34
N ASP B 21 6.37 5.01 -6.59
CA ASP B 21 7.63 4.42 -7.02
C ASP B 21 8.79 5.31 -6.57
N VAL B 22 9.98 4.70 -6.49
CA VAL B 22 11.16 5.44 -6.04
C VAL B 22 11.44 6.62 -6.97
N SER B 23 11.39 6.37 -8.28
CA SER B 23 11.71 7.43 -9.24
C SER B 23 10.70 8.56 -9.16
N GLU B 24 9.42 8.24 -8.95
CA GLU B 24 8.39 9.27 -8.87
C GLU B 24 8.64 10.20 -7.68
N ALA B 25 8.86 9.62 -6.50
CA ALA B 25 9.11 10.43 -5.31
C ALA B 25 10.41 11.21 -5.44
N ALA B 26 11.45 10.60 -6.03
CA ALA B 26 12.71 11.31 -6.19
C ALA B 26 12.57 12.49 -7.14
N GLU B 27 11.78 12.34 -8.20
CA GLU B 27 11.66 13.40 -9.19
C GLU B 27 10.76 14.53 -8.68
N HIS B 28 9.64 14.19 -8.06
CA HIS B 28 8.63 15.19 -7.75
C HIS B 28 8.63 15.67 -6.30
N ILE B 29 9.12 14.85 -5.37
CA ILE B 29 9.11 15.19 -3.94
C ILE B 29 10.51 15.61 -3.47
N GLY B 30 11.48 14.70 -3.52
CA GLY B 30 12.83 15.05 -3.13
C GLY B 30 13.50 16.02 -4.09
N ARG B 31 13.05 16.03 -5.36
CA ARG B 31 13.68 16.83 -6.41
C ARG B 31 15.15 16.50 -6.58
N VAL B 32 15.49 15.23 -6.37
CA VAL B 32 16.84 14.70 -6.49
C VAL B 32 16.83 13.50 -7.41
N SER B 33 18.02 12.96 -7.67
CA SER B 33 18.14 11.75 -8.47
C SER B 33 17.58 10.55 -7.71
N ALA B 34 17.26 9.49 -8.47
CA ALA B 34 16.76 8.27 -7.85
C ALA B 34 17.79 7.66 -6.92
N ARG B 35 19.08 7.82 -7.23
CA ARG B 35 20.11 7.26 -6.38
C ARG B 35 20.11 7.91 -5.00
N SER B 36 19.83 9.21 -4.93
CA SER B 36 19.79 9.87 -3.64
C SER B 36 18.61 9.39 -2.80
N TRP B 37 17.47 9.14 -3.44
CA TRP B 37 16.33 8.59 -2.71
C TRP B 37 16.61 7.17 -2.22
N GLN B 38 17.28 6.37 -3.06
CA GLN B 38 17.66 5.03 -2.64
C GLN B 38 18.64 5.08 -1.47
N TYR B 39 19.55 6.05 -1.49
CA TYR B 39 20.46 6.25 -0.36
C TYR B 39 19.68 6.63 0.90
N TRP B 40 18.70 7.53 0.77
CA TRP B 40 17.88 7.90 1.90
C TRP B 40 17.18 6.69 2.50
N GLU B 41 16.57 5.86 1.65
CA GLU B 41 15.83 4.70 2.12
C GLU B 41 16.75 3.58 2.61
N SER B 42 18.02 3.59 2.21
CA SER B 42 18.96 2.55 2.63
C SER B 42 19.77 2.95 3.86
N GLY B 43 19.78 4.22 4.24
CA GLY B 43 20.46 4.67 5.43
C GLY B 43 21.79 5.35 5.22
N ARG B 44 22.20 5.56 3.96
CA ARG B 44 23.47 6.21 3.70
C ARG B 44 23.45 7.67 4.16
N SER B 45 22.45 8.42 3.74
CA SER B 45 22.27 9.80 4.15
C SER B 45 20.94 9.95 4.87
N ALA B 46 20.90 10.89 5.82
CA ALA B 46 19.69 11.14 6.59
C ALA B 46 18.59 11.69 5.70
N VAL B 47 17.35 11.44 6.11
CA VAL B 47 16.18 11.92 5.38
C VAL B 47 16.05 13.42 5.62
N PRO B 48 16.02 14.24 4.56
CA PRO B 48 15.87 15.68 4.77
C PRO B 48 14.57 16.02 5.47
N ASP B 49 14.58 17.16 6.17
CA ASP B 49 13.42 17.56 6.96
C ASP B 49 12.24 17.90 6.05
N ASP B 50 12.48 18.63 4.97
CA ASP B 50 11.40 19.03 4.07
C ASP B 50 10.76 17.82 3.39
N VAL B 51 11.56 16.80 3.07
CA VAL B 51 11.02 15.58 2.48
C VAL B 51 10.05 14.92 3.45
N GLU B 52 10.45 14.83 4.72
CA GLU B 52 9.59 14.25 5.74
C GLU B 52 8.30 15.06 5.90
N GLN B 53 8.42 16.39 5.93
CA GLN B 53 7.24 17.22 6.08
C GLN B 53 6.28 17.04 4.90
N GLU B 54 6.83 16.93 3.69
CA GLU B 54 5.98 16.68 2.53
C GLU B 54 5.34 15.30 2.59
N MET B 55 6.03 14.32 3.18
CA MET B 55 5.40 13.03 3.45
C MET B 55 4.16 13.18 4.32
N LEU B 56 4.31 13.87 5.45
CA LEU B 56 3.16 14.08 6.32
C LEU B 56 2.05 14.87 5.63
N ASP B 57 2.42 15.82 4.77
CA ASP B 57 1.41 16.57 4.03
C ASP B 57 0.63 15.68 3.09
N LEU B 58 1.33 14.78 2.37
CA LEU B 58 0.62 13.84 1.51
C LEU B 58 -0.26 12.90 2.33
N ALA B 59 0.20 12.52 3.52
CA ALA B 59 -0.65 11.75 4.42
C ALA B 59 -1.94 12.49 4.72
N SER B 60 -1.85 13.80 4.99
CA SER B 60 -3.05 14.59 5.28
C SER B 60 -3.97 14.67 4.07
N VAL B 61 -3.40 14.80 2.87
CA VAL B 61 -4.23 14.80 1.66
C VAL B 61 -4.97 13.47 1.54
N ARG B 62 -4.27 12.37 1.80
CA ARG B 62 -4.90 11.06 1.82
C ARG B 62 -6.06 11.04 2.82
N ILE B 63 -5.84 11.59 4.02
CA ILE B 63 -6.89 11.64 5.03
C ILE B 63 -8.12 12.37 4.50
N GLU B 64 -7.91 13.48 3.79
CA GLU B 64 -9.04 14.20 3.20
C GLU B 64 -9.82 13.30 2.25
N MET B 65 -9.11 12.57 1.38
CA MET B 65 -9.77 11.68 0.44
C MET B 65 -10.59 10.60 1.17
N MET B 66 -9.97 9.95 2.15
CA MET B 66 -10.67 8.91 2.93
C MET B 66 -11.88 9.49 3.64
N SER B 67 -11.80 10.74 4.09
CA SER B 67 -12.93 11.35 4.78
C SER B 67 -14.09 11.59 3.83
N ALA B 68 -13.80 12.04 2.62
CA ALA B 68 -14.87 12.18 1.62
C ALA B 68 -15.52 10.84 1.34
N ILE B 69 -14.71 9.79 1.17
CA ILE B 69 -15.29 8.47 0.91
C ILE B 69 -16.10 7.98 2.11
N ASP B 70 -15.67 8.31 3.33
CA ASP B 70 -16.44 7.94 4.52
C ASP B 70 -17.79 8.66 4.55
N LYS B 71 -17.79 9.95 4.20
CA LYS B 71 -19.05 10.68 4.06
C LYS B 71 -19.98 9.97 3.10
N ARG B 72 -19.45 9.54 1.94
CA ARG B 72 -20.29 8.83 0.98
C ARG B 72 -20.79 7.51 1.56
N LEU B 73 -19.95 6.80 2.31
CA LEU B 73 -20.34 5.51 2.86
C LEU B 73 -21.46 5.65 3.88
N ALA B 74 -21.34 6.61 4.80
CA ALA B 74 -22.33 6.77 5.86
C ALA B 74 -23.69 7.18 5.31
N ASP B 75 -23.76 7.65 4.07
CA ASP B 75 -25.01 8.08 3.47
C ASP B 75 -25.76 6.94 2.79
N GLY B 76 -25.25 5.71 2.88
CA GLY B 76 -25.88 4.57 2.25
C GLY B 76 -25.29 4.21 0.90
N GLU B 77 -24.36 5.00 0.38
CA GLU B 77 -23.77 4.73 -0.92
C GLU B 77 -22.83 3.53 -0.85
N ARG B 78 -22.85 2.71 -1.91
CA ARG B 78 -21.78 1.76 -2.16
C ARG B 78 -20.91 2.36 -3.25
N PRO B 79 -19.79 2.99 -2.92
CA PRO B 79 -19.07 3.79 -3.91
C PRO B 79 -18.45 2.93 -5.01
N LYS B 80 -18.58 3.42 -6.24
CA LYS B 80 -17.88 2.85 -7.39
C LYS B 80 -16.67 3.74 -7.64
N LEU B 81 -15.56 3.40 -7.00
CA LEU B 81 -14.37 4.24 -7.02
C LEU B 81 -13.53 4.01 -8.27
N ARG B 82 -13.04 5.10 -8.85
CA ARG B 82 -12.21 5.00 -10.05
C ARG B 82 -10.79 4.63 -9.67
N PHE B 83 -10.32 3.50 -10.18
CA PHE B 83 -8.94 3.05 -9.99
C PHE B 83 -8.23 3.16 -11.33
N TYR B 84 -7.47 4.23 -11.52
CA TYR B 84 -6.85 4.52 -12.81
C TYR B 84 -5.63 3.63 -13.01
N ASN B 85 -5.69 2.78 -14.04
CA ASN B 85 -4.55 1.92 -14.35
C ASN B 85 -3.39 2.72 -14.92
N LYS B 86 -3.66 3.55 -15.92
CA LYS B 86 -2.65 4.41 -16.52
C LYS B 86 -2.70 5.80 -15.90
N LEU B 87 -1.54 6.43 -15.80
CA LEU B 87 -1.48 7.79 -15.25
C LEU B 87 -2.11 8.81 -16.20
N ASP B 88 -2.01 8.56 -17.51
CA ASP B 88 -2.59 9.50 -18.48
C ASP B 88 -4.12 9.55 -18.34
N GLU B 89 -4.75 8.40 -18.07
CA GLU B 89 -6.18 8.40 -17.83
C GLU B 89 -6.54 9.24 -16.60
N TYR B 90 -5.67 9.24 -15.59
CA TYR B 90 -5.91 10.04 -14.39
C TYR B 90 -5.75 11.53 -14.69
N LEU B 91 -4.67 11.90 -15.39
CA LEU B 91 -4.45 13.29 -15.72
C LEU B 91 -5.47 13.83 -16.70
N ALA B 92 -6.10 12.96 -17.49
CA ALA B 92 -7.19 13.41 -18.36
C ALA B 92 -8.41 13.84 -17.56
N ASP B 93 -8.57 13.29 -16.35
CA ASP B 93 -9.67 13.65 -15.48
C ASP B 93 -9.26 14.62 -14.36
N ASN B 94 -7.96 14.84 -14.18
CA ASN B 94 -7.45 15.77 -13.16
C ASN B 94 -6.29 16.55 -13.77
N PRO B 95 -6.59 17.63 -14.49
CA PRO B 95 -5.51 18.36 -15.18
C PRO B 95 -4.53 19.04 -14.25
N ASP B 96 -4.95 19.44 -13.04
CA ASP B 96 -4.08 20.13 -12.11
C ASP B 96 -3.39 19.19 -11.12
N HIS B 97 -3.34 17.90 -11.43
CA HIS B 97 -2.70 16.90 -10.59
C HIS B 97 -1.46 16.36 -11.28
N ASN B 98 -0.79 15.42 -10.63
CA ASN B 98 0.36 14.74 -11.20
C ASN B 98 0.35 13.29 -10.72
N VAL B 99 1.50 12.62 -10.83
CA VAL B 99 1.56 11.20 -10.49
C VAL B 99 1.38 11.00 -8.99
N ILE B 100 1.69 12.01 -8.18
CA ILE B 100 1.50 11.91 -6.73
C ILE B 100 0.03 11.68 -6.41
N GLY B 101 -0.84 12.53 -6.97
CA GLY B 101 -2.27 12.36 -6.76
C GLY B 101 -2.80 11.07 -7.34
N TRP B 102 -2.24 10.62 -8.47
CA TRP B 102 -2.64 9.35 -9.05
C TRP B 102 -2.35 8.20 -8.09
N ARG B 103 -1.14 8.16 -7.53
CA ARG B 103 -0.78 7.09 -6.61
C ARG B 103 -1.60 7.18 -5.32
N LEU B 104 -1.87 8.39 -4.84
CA LEU B 104 -2.71 8.53 -3.66
C LEU B 104 -4.12 8.01 -3.92
N SER B 105 -4.69 8.34 -5.08
CA SER B 105 -6.02 7.83 -5.43
C SER B 105 -6.01 6.31 -5.54
N GLN B 106 -4.96 5.75 -6.16
CA GLN B 106 -4.83 4.29 -6.21
C GLN B 106 -4.82 3.69 -4.81
N SER B 107 -4.06 4.30 -3.89
N SER B 107 -4.06 4.30 -3.89
CA SER B 107 -3.96 3.77 -2.54
CA SER B 107 -3.96 3.77 -2.54
C SER B 107 -5.31 3.81 -1.84
C SER B 107 -5.31 3.81 -1.84
N VAL B 108 -6.01 4.93 -1.93
CA VAL B 108 -7.31 5.04 -1.25
C VAL B 108 -8.33 4.06 -1.84
N ALA B 109 -8.37 3.96 -3.17
CA ALA B 109 -9.30 3.04 -3.81
C ALA B 109 -8.98 1.59 -3.44
N ALA B 110 -7.70 1.24 -3.41
CA ALA B 110 -7.30 -0.11 -3.03
C ALA B 110 -7.68 -0.41 -1.59
N LEU B 111 -7.47 0.56 -0.69
CA LEU B 111 -7.84 0.35 0.71
C LEU B 111 -9.33 0.14 0.86
N TYR B 112 -10.14 0.97 0.18
CA TYR B 112 -11.59 0.85 0.35
C TYR B 112 -12.15 -0.37 -0.36
N TYR B 113 -11.45 -0.90 -1.38
CA TYR B 113 -11.88 -2.17 -1.94
C TYR B 113 -11.49 -3.34 -1.04
N THR B 114 -10.27 -3.33 -0.51
CA THR B 114 -9.82 -4.42 0.34
C THR B 114 -10.63 -4.49 1.63
N GLU B 115 -11.04 -3.34 2.16
CA GLU B 115 -11.92 -3.33 3.32
C GLU B 115 -13.29 -3.91 3.00
N GLY B 116 -13.69 -3.92 1.72
CA GLY B 116 -14.96 -4.49 1.33
C GLY B 116 -16.11 -3.52 1.25
N HIS B 117 -15.83 -2.21 1.14
CA HIS B 117 -16.87 -1.20 1.12
C HIS B 117 -17.11 -0.60 -0.25
N ALA B 118 -16.27 -0.88 -1.24
CA ALA B 118 -16.40 -0.22 -2.53
C ALA B 118 -15.97 -1.16 -3.65
N ASP B 119 -16.55 -0.94 -4.82
CA ASP B 119 -16.15 -1.61 -6.05
C ASP B 119 -15.39 -0.62 -6.93
N LEU B 120 -14.42 -1.14 -7.68
CA LEU B 120 -13.55 -0.30 -8.49
C LEU B 120 -13.90 -0.41 -9.97
N ILE B 121 -13.83 0.72 -10.66
CA ILE B 121 -14.11 0.77 -12.09
C ILE B 121 -12.97 1.45 -12.83
#